data_5OU1
#
_entry.id   5OU1
#
_cell.length_a   88.720
_cell.length_b   88.720
_cell.length_c   84.780
_cell.angle_alpha   90.00
_cell.angle_beta   90.00
_cell.angle_gamma   90.00
#
_symmetry.space_group_name_H-M   'I 4'
#
loop_
_entity.id
_entity.type
_entity.pdbx_description
1 polymer "Inosine-5'-monophosphate dehydrogenase,Inosine-5'-monophosphate dehydrogenase"
2 non-polymer 'INOSINIC ACID'
3 non-polymer (2~{S})-~{N}-(4-iodophenyl)-2-(4-methoxyphenoxy)propanamide
4 water water
#
_entity_poly.entity_id   1
_entity_poly.type   'polypeptide(L)'
_entity_poly.pdbx_seq_one_letter_code
;GSSIAERSVPIAVPVPTGGDDPTKIAMLGLTFDDVLLLPAASDVLPANADTSSQLTKKIRLKVPLVSSAMDTVTEARMAI
AMARAGGMGVLHRNLPVAEQAAQVETVKRSGGLLVGAAVGVGDDAWERAMALRDAGVDVLVVDTAHAHNRKVLDMVHRLK
TTVGDEIEVVGGNVATRAAAAALVEAGADAVKVGVGPGSICTTRVVAGVGAPQITAILEAVAACAPHGVPVIADGGLQYS
GDIAKALAAGASTAMLGSLLAGTAESPGELILVNGKQFKSYRGMGSLGAMQGRGGAKSYSKDRYFQDDALSEDKLVPEGI
EGRVPFRGPLSTVIHQLVGGLRAAMGYTGSATIEELQQAQFVQITAAGLKESHPHDITMTVEAPNYYAR
;
_entity_poly.pdbx_strand_id   A
#
# COMPACT_ATOMS: atom_id res chain seq x y z
N VAL A 15 -32.50 1.20 -18.35
CA VAL A 15 -31.06 1.32 -18.12
C VAL A 15 -30.31 1.13 -19.45
N PRO A 16 -29.55 2.16 -19.87
CA PRO A 16 -28.89 2.18 -21.19
C PRO A 16 -27.95 0.99 -21.43
N THR A 17 -27.38 0.43 -20.36
CA THR A 17 -26.44 -0.68 -20.50
C THR A 17 -27.11 -2.04 -20.31
N GLY A 18 -28.41 -2.06 -20.03
CA GLY A 18 -29.11 -3.33 -19.98
C GLY A 18 -29.84 -3.63 -18.67
N GLY A 19 -30.96 -4.34 -18.79
CA GLY A 19 -31.71 -4.72 -17.61
C GLY A 19 -32.55 -3.56 -17.14
N ASP A 20 -33.25 -3.72 -16.02
CA ASP A 20 -34.12 -2.67 -15.49
C ASP A 20 -33.63 -2.09 -14.17
N ASP A 21 -32.44 -2.51 -13.75
CA ASP A 21 -31.93 -2.11 -12.44
C ASP A 21 -30.74 -1.16 -12.58
N PRO A 22 -30.95 0.11 -12.22
CA PRO A 22 -29.92 1.17 -12.32
C PRO A 22 -28.72 0.91 -11.43
N THR A 23 -28.90 0.10 -10.39
CA THR A 23 -27.86 -0.12 -9.39
C THR A 23 -26.98 -1.34 -9.73
N LYS A 24 -27.36 -2.09 -10.75
CA LYS A 24 -26.62 -3.31 -11.12
C LYS A 24 -25.18 -2.95 -11.46
N ILE A 25 -25.02 -1.89 -12.23
CA ILE A 25 -23.71 -1.31 -12.49
C ILE A 25 -23.66 -0.05 -11.63
N ALA A 26 -23.02 -0.19 -10.48
CA ALA A 26 -23.12 0.76 -9.37
C ALA A 26 -22.31 2.03 -9.54
N MET A 27 -21.23 1.95 -10.32
N MET A 27 -21.23 1.96 -10.32
CA MET A 27 -20.36 3.11 -10.50
CA MET A 27 -20.28 3.06 -10.41
C MET A 27 -19.52 2.97 -11.76
C MET A 27 -19.40 2.94 -11.65
N LEU A 28 -18.86 4.07 -12.11
CA LEU A 28 -17.85 4.08 -13.16
C LEU A 28 -16.47 4.17 -12.50
N GLY A 29 -15.67 3.13 -12.62
CA GLY A 29 -14.41 3.07 -11.89
C GLY A 29 -13.25 3.66 -12.67
N LEU A 30 -12.56 4.60 -12.05
CA LEU A 30 -11.39 5.21 -12.62
C LEU A 30 -10.11 4.66 -12.03
N THR A 31 -9.12 4.48 -12.87
CA THR A 31 -7.80 4.08 -12.40
C THR A 31 -6.85 5.26 -12.56
N PHE A 32 -5.59 5.08 -12.14
CA PHE A 32 -4.62 6.17 -12.19
C PHE A 32 -4.51 6.76 -13.59
N ASP A 33 -4.46 5.91 -14.59
CA ASP A 33 -4.29 6.41 -15.95
C ASP A 33 -5.48 7.26 -16.47
N ASP A 34 -6.63 7.18 -15.80
CA ASP A 34 -7.82 7.91 -16.21
C ASP A 34 -7.82 9.38 -15.82
N VAL A 35 -6.88 9.80 -14.97
CA VAL A 35 -6.92 11.15 -14.43
C VAL A 35 -5.56 11.80 -14.40
N LEU A 36 -5.56 13.13 -14.42
CA LEU A 36 -4.34 13.92 -14.17
C LEU A 36 -4.67 14.95 -13.09
N LEU A 37 -3.67 15.35 -12.34
CA LEU A 37 -3.81 16.48 -11.42
C LEU A 37 -3.81 17.81 -12.15
N LEU A 38 -4.77 18.67 -11.83
CA LEU A 38 -4.79 20.01 -12.42
C LEU A 38 -3.81 20.91 -11.68
N PRO A 39 -2.99 21.67 -12.43
CA PRO A 39 -2.19 22.69 -11.75
C PRO A 39 -3.12 23.74 -11.11
N ALA A 40 -2.62 24.39 -10.06
CA ALA A 40 -3.41 25.35 -9.31
C ALA A 40 -2.48 26.46 -8.83
N ALA A 41 -3.05 27.56 -8.33
CA ALA A 41 -2.23 28.66 -7.81
C ALA A 41 -1.23 28.13 -6.79
N SER A 42 0.04 28.49 -6.95
CA SER A 42 1.06 27.93 -6.09
C SER A 42 2.08 28.94 -5.60
N ASP A 43 2.33 28.92 -4.30
CA ASP A 43 3.48 29.63 -3.73
C ASP A 43 4.51 28.59 -3.25
N VAL A 44 4.30 27.34 -3.66
CA VAL A 44 5.11 26.23 -3.14
C VAL A 44 6.16 25.79 -4.15
N LEU A 45 7.41 25.78 -3.72
CA LEU A 45 8.48 25.20 -4.51
C LEU A 45 8.63 23.73 -4.13
N PRO A 46 8.93 22.88 -5.12
CA PRO A 46 9.12 21.44 -4.89
C PRO A 46 10.07 21.15 -3.73
N ALA A 47 11.18 21.87 -3.67
CA ALA A 47 12.16 21.66 -2.59
C ALA A 47 11.63 22.07 -1.22
N ASN A 48 10.61 22.93 -1.17
CA ASN A 48 10.10 23.40 0.11
C ASN A 48 8.86 22.68 0.62
N ALA A 49 8.29 21.79 -0.21
CA ALA A 49 7.09 21.07 0.20
C ALA A 49 7.37 20.10 1.36
N ASP A 50 6.37 19.92 2.21
CA ASP A 50 6.44 19.01 3.37
C ASP A 50 5.80 17.69 2.97
N THR A 51 6.58 16.64 2.82
CA THR A 51 6.04 15.35 2.34
C THR A 51 5.54 14.43 3.44
N SER A 52 5.64 14.86 4.70
CA SER A 52 5.25 13.99 5.82
C SER A 52 3.74 13.70 5.81
N SER A 53 3.36 12.54 6.32
CA SER A 53 1.96 12.15 6.29
C SER A 53 1.66 11.02 7.26
N GLN A 54 0.40 10.89 7.67
CA GLN A 54 -0.04 9.86 8.62
C GLN A 54 -0.09 8.49 7.97
N LEU A 55 0.72 7.57 8.49
CA LEU A 55 0.59 6.17 8.15
C LEU A 55 -0.63 5.59 8.85
N THR A 56 -0.74 5.92 10.13
CA THR A 56 -1.89 5.49 10.94
C THR A 56 -2.32 6.71 11.76
N LYS A 57 -3.34 6.54 12.59
CA LYS A 57 -3.82 7.65 13.41
C LYS A 57 -2.70 8.32 14.20
N LYS A 58 -1.77 7.52 14.70
CA LYS A 58 -0.72 8.02 15.61
C LYS A 58 0.64 8.16 14.97
N ILE A 59 0.92 7.40 13.92
CA ILE A 59 2.27 7.38 13.34
C ILE A 59 2.35 8.25 12.09
N ARG A 60 3.24 9.23 12.09
CA ARG A 60 3.48 10.08 10.92
C ARG A 60 4.84 9.73 10.34
N LEU A 61 4.90 9.59 9.02
CA LEU A 61 6.16 9.28 8.32
C LEU A 61 6.69 10.56 7.67
N LYS A 62 7.99 10.65 7.47
CA LYS A 62 8.59 11.81 6.78
C LYS A 62 8.29 11.78 5.27
N VAL A 63 8.17 10.56 4.75
CA VAL A 63 7.83 10.35 3.34
CA VAL A 63 7.92 10.27 3.35
C VAL A 63 6.74 9.30 3.30
N PRO A 64 5.72 9.57 2.48
CA PRO A 64 4.47 8.80 2.59
C PRO A 64 4.48 7.48 1.84
N LEU A 65 5.48 6.65 2.10
CA LEU A 65 5.68 5.42 1.31
C LEU A 65 6.00 4.25 2.22
N VAL A 66 5.29 3.14 2.01
N VAL A 66 5.31 3.14 1.95
CA VAL A 66 5.65 1.92 2.70
CA VAL A 66 5.47 1.89 2.69
C VAL A 66 5.86 0.83 1.67
C VAL A 66 5.78 0.76 1.69
N SER A 67 6.69 -0.15 2.02
CA SER A 67 6.95 -1.26 1.10
C SER A 67 6.01 -2.45 1.37
N SER A 68 5.63 -3.17 0.31
CA SER A 68 4.63 -4.24 0.41
C SER A 68 5.13 -5.41 1.24
N ALA A 69 4.20 -6.06 1.90
CA ALA A 69 4.47 -7.28 2.67
C ALA A 69 4.55 -8.47 1.72
N MET A 70 5.57 -8.50 0.90
CA MET A 70 5.73 -9.55 -0.09
C MET A 70 7.13 -10.13 0.02
N ASP A 71 7.30 -11.42 -0.23
CA ASP A 71 8.61 -12.05 -0.02
C ASP A 71 9.58 -11.78 -1.16
N THR A 72 9.20 -10.96 -2.14
CA THR A 72 10.20 -10.47 -3.09
C THR A 72 10.35 -8.96 -2.93
N VAL A 73 9.80 -8.42 -1.86
CA VAL A 73 9.93 -6.99 -1.62
C VAL A 73 10.53 -6.67 -0.26
N THR A 74 9.93 -7.16 0.83
CA THR A 74 10.30 -6.67 2.15
C THR A 74 10.69 -7.73 3.18
N GLU A 75 12.00 -7.81 3.43
CA GLU A 75 12.52 -8.44 4.63
C GLU A 75 13.32 -7.41 5.42
N ALA A 76 14.16 -7.84 6.36
CA ALA A 76 14.77 -6.90 7.29
C ALA A 76 15.59 -5.79 6.59
N ARG A 77 16.29 -6.15 5.52
CA ARG A 77 17.14 -5.18 4.84
C ARG A 77 16.33 -4.05 4.20
N MET A 78 15.24 -4.42 3.52
CA MET A 78 14.32 -3.42 2.96
C MET A 78 13.65 -2.57 4.05
N ALA A 79 13.20 -3.19 5.14
CA ALA A 79 12.53 -2.44 6.20
C ALA A 79 13.47 -1.41 6.83
N ILE A 80 14.74 -1.78 6.98
CA ILE A 80 15.74 -0.86 7.51
C ILE A 80 15.93 0.32 6.55
N ALA A 81 16.15 0.01 5.29
CA ALA A 81 16.41 1.04 4.29
C ALA A 81 15.19 1.96 4.13
N MET A 82 13.99 1.39 4.15
CA MET A 82 12.74 2.18 4.07
C MET A 82 12.61 3.14 5.26
N ALA A 83 12.86 2.64 6.46
CA ALA A 83 12.72 3.48 7.64
C ALA A 83 13.76 4.61 7.61
N ARG A 84 14.97 4.32 7.18
CA ARG A 84 16.00 5.35 7.08
C ARG A 84 15.68 6.39 6.03
N ALA A 85 14.98 5.97 4.99
CA ALA A 85 14.59 6.90 3.92
C ALA A 85 13.36 7.72 4.34
N GLY A 86 12.85 7.45 5.54
CA GLY A 86 11.74 8.21 6.08
C GLY A 86 10.38 7.55 5.90
N GLY A 87 10.38 6.34 5.33
CA GLY A 87 9.18 5.57 5.16
C GLY A 87 9.14 4.42 6.13
N MET A 88 8.51 3.31 5.73
CA MET A 88 8.47 2.12 6.57
C MET A 88 8.33 0.87 5.73
N GLY A 89 8.82 -0.25 6.25
CA GLY A 89 8.59 -1.52 5.60
C GLY A 89 7.55 -2.33 6.35
N VAL A 90 6.80 -3.16 5.64
CA VAL A 90 5.93 -4.13 6.32
C VAL A 90 6.46 -5.53 6.01
N LEU A 91 7.01 -6.21 7.03
CA LEU A 91 7.62 -7.53 6.83
C LEU A 91 6.60 -8.59 6.40
N HIS A 92 6.93 -9.32 5.34
CA HIS A 92 6.03 -10.34 4.82
C HIS A 92 5.87 -11.47 5.84
N ARG A 93 4.83 -12.27 5.68
CA ARG A 93 4.54 -13.32 6.65
C ARG A 93 4.62 -14.72 6.06
N ASN A 94 5.30 -14.84 4.93
CA ASN A 94 5.46 -16.13 4.28
C ASN A 94 6.70 -16.83 4.78
N LEU A 95 6.78 -16.97 6.10
CA LEU A 95 7.92 -17.58 6.75
C LEU A 95 7.47 -17.93 8.18
N PRO A 96 8.21 -18.85 8.84
CA PRO A 96 7.84 -19.22 10.21
C PRO A 96 7.80 -18.01 11.13
N VAL A 97 6.93 -18.09 12.13
CA VAL A 97 6.76 -17.03 13.10
C VAL A 97 8.09 -16.56 13.68
N ALA A 98 8.93 -17.50 14.07
CA ALA A 98 10.19 -17.19 14.72
C ALA A 98 11.09 -16.32 13.85
N GLU A 99 11.10 -16.59 12.55
CA GLU A 99 11.98 -15.86 11.64
C GLU A 99 11.44 -14.46 11.41
N GLN A 100 10.12 -14.33 11.36
CA GLN A 100 9.52 -13.00 11.20
C GLN A 100 9.80 -12.12 12.41
N ALA A 101 9.64 -12.69 13.60
CA ALA A 101 9.94 -11.97 14.84
C ALA A 101 11.42 -11.64 14.91
N ALA A 102 12.27 -12.55 14.44
CA ALA A 102 13.70 -12.30 14.40
C ALA A 102 14.07 -11.21 13.40
N GLN A 103 13.29 -11.07 12.33
CA GLN A 103 13.55 -10.00 11.38
C GLN A 103 13.13 -8.66 12.00
N VAL A 104 12.08 -8.67 12.81
CA VAL A 104 11.64 -7.47 13.53
C VAL A 104 12.71 -6.98 14.49
N GLU A 105 13.25 -7.91 15.28
CA GLU A 105 14.31 -7.56 16.21
C GLU A 105 15.55 -7.07 15.47
N THR A 106 15.85 -7.68 14.32
CA THR A 106 16.97 -7.22 13.49
C THR A 106 16.80 -5.74 13.08
N VAL A 107 15.57 -5.35 12.75
CA VAL A 107 15.30 -3.96 12.38
C VAL A 107 15.57 -3.02 13.56
N LYS A 108 15.00 -3.36 14.71
CA LYS A 108 15.17 -2.58 15.93
C LYS A 108 16.62 -2.48 16.37
N ARG A 109 17.41 -3.49 16.02
CA ARG A 109 18.83 -3.49 16.36
C ARG A 109 19.60 -2.42 15.57
N SER A 110 19.00 -1.97 14.47
CA SER A 110 19.65 -0.95 13.64
C SER A 110 19.17 0.46 14.00
N GLY A 111 18.77 0.64 15.25
CA GLY A 111 18.35 1.95 15.73
C GLY A 111 16.89 2.00 16.12
N GLY A 112 16.40 3.21 16.41
CA GLY A 112 14.99 3.40 16.71
C GLY A 112 14.17 3.52 15.44
N LEU A 113 14.15 2.45 14.66
CA LEU A 113 13.50 2.45 13.35
C LEU A 113 12.07 1.94 13.44
N LEU A 114 11.15 2.63 12.78
CA LEU A 114 9.78 2.15 12.64
C LEU A 114 9.73 0.87 11.81
N VAL A 115 8.88 -0.07 12.18
CA VAL A 115 8.70 -1.28 11.39
C VAL A 115 7.31 -1.88 11.56
N GLY A 116 6.77 -2.42 10.47
CA GLY A 116 5.49 -3.13 10.52
C GLY A 116 5.68 -4.58 10.11
N ALA A 117 4.65 -5.39 10.34
CA ALA A 117 4.70 -6.79 9.97
C ALA A 117 3.29 -7.29 9.69
N ALA A 118 3.19 -8.17 8.68
CA ALA A 118 1.89 -8.69 8.28
C ALA A 118 1.52 -9.93 9.09
N VAL A 119 0.24 -10.02 9.46
CA VAL A 119 -0.33 -11.26 9.96
C VAL A 119 -1.61 -11.55 9.21
N GLY A 120 -2.02 -12.81 9.23
CA GLY A 120 -3.26 -13.21 8.58
C GLY A 120 -4.41 -13.29 9.55
N VAL A 121 -5.38 -14.16 9.25
CA VAL A 121 -6.48 -14.41 10.16
C VAL A 121 -6.59 -15.91 10.42
N GLY A 122 -5.54 -16.62 10.02
CA GLY A 122 -5.50 -18.07 10.13
C GLY A 122 -5.31 -18.58 11.55
N ASP A 123 -4.88 -19.83 11.66
CA ASP A 123 -4.70 -20.48 12.94
C ASP A 123 -3.57 -19.90 13.76
N ASP A 124 -2.41 -19.75 13.15
CA ASP A 124 -1.23 -19.24 13.84
C ASP A 124 -1.16 -17.71 13.86
N ALA A 125 -2.15 -17.07 13.24
CA ALA A 125 -2.14 -15.62 13.07
C ALA A 125 -2.06 -14.87 14.40
N TRP A 126 -2.88 -15.29 15.38
CA TRP A 126 -2.86 -14.66 16.69
C TRP A 126 -1.52 -14.89 17.40
N GLU A 127 -1.03 -16.12 17.34
CA GLU A 127 0.26 -16.45 17.92
C GLU A 127 1.35 -15.65 17.22
N ARG A 128 1.21 -15.49 15.92
CA ARG A 128 2.14 -14.69 15.14
C ARG A 128 2.17 -13.26 15.68
N ALA A 129 0.99 -12.68 15.85
CA ALA A 129 0.86 -11.29 16.29
C ALA A 129 1.52 -11.05 17.65
N MET A 130 1.32 -12.00 18.58
CA MET A 130 1.92 -11.87 19.90
C MET A 130 3.43 -11.95 19.86
N ALA A 131 3.96 -12.88 19.08
CA ALA A 131 5.40 -12.97 18.88
C ALA A 131 5.97 -11.67 18.29
N LEU A 132 5.23 -11.06 17.39
CA LEU A 132 5.68 -9.83 16.76
C LEU A 132 5.65 -8.69 17.77
N ARG A 133 4.62 -8.64 18.60
CA ARG A 133 4.56 -7.63 19.66
C ARG A 133 5.71 -7.78 20.62
N ASP A 134 6.01 -9.01 20.97
CA ASP A 134 7.10 -9.28 21.87
C ASP A 134 8.36 -8.76 21.27
N ALA A 135 8.53 -8.90 19.97
CA ALA A 135 9.76 -8.47 19.30
C ALA A 135 9.85 -6.95 19.14
N GLY A 136 8.76 -6.25 19.45
CA GLY A 136 8.79 -4.80 19.44
C GLY A 136 8.25 -4.13 18.18
N VAL A 137 7.38 -4.82 17.47
CA VAL A 137 6.79 -4.26 16.24
C VAL A 137 5.95 -3.01 16.57
N ASP A 138 5.91 -2.06 15.64
CA ASP A 138 5.15 -0.84 15.83
C ASP A 138 3.78 -0.90 15.17
N VAL A 139 3.73 -1.57 14.02
CA VAL A 139 2.50 -1.67 13.26
C VAL A 139 2.18 -3.12 12.96
N LEU A 140 0.97 -3.56 13.28
CA LEU A 140 0.53 -4.86 12.82
C LEU A 140 -0.41 -4.67 11.65
N VAL A 141 -0.12 -5.35 10.55
CA VAL A 141 -0.98 -5.23 9.38
C VAL A 141 -1.73 -6.52 9.16
N VAL A 142 -3.03 -6.48 9.41
CA VAL A 142 -3.92 -7.59 9.13
C VAL A 142 -4.12 -7.63 7.62
N ASP A 143 -3.48 -8.61 7.01
CA ASP A 143 -3.14 -8.65 5.60
C ASP A 143 -3.97 -9.71 4.88
N THR A 144 -5.10 -9.32 4.29
CA THR A 144 -5.97 -10.29 3.63
C THR A 144 -6.37 -9.82 2.26
N ALA A 145 -6.88 -10.74 1.46
CA ALA A 145 -7.38 -10.43 0.11
C ALA A 145 -8.69 -9.68 0.17
N HIS A 146 -9.46 -9.91 1.23
CA HIS A 146 -10.80 -9.35 1.33
C HIS A 146 -11.17 -9.10 2.79
N ALA A 147 -11.01 -7.86 3.24
CA ALA A 147 -11.18 -7.59 4.66
C ALA A 147 -12.64 -7.40 5.07
N HIS A 148 -13.55 -7.33 4.11
CA HIS A 148 -14.98 -7.21 4.44
C HIS A 148 -15.57 -8.56 4.88
N ASN A 149 -15.16 -9.00 6.06
CA ASN A 149 -15.40 -10.35 6.52
C ASN A 149 -15.35 -10.35 8.04
N ARG A 150 -16.31 -11.00 8.70
CA ARG A 150 -16.39 -10.95 10.16
C ARG A 150 -15.11 -11.44 10.83
N LYS A 151 -14.48 -12.45 10.25
CA LYS A 151 -13.26 -13.01 10.82
C LYS A 151 -12.13 -11.98 10.80
N VAL A 152 -12.00 -11.25 9.69
CA VAL A 152 -10.97 -10.22 9.61
C VAL A 152 -11.26 -9.06 10.56
N LEU A 153 -12.51 -8.60 10.54
CA LEU A 153 -12.92 -7.52 11.41
C LEU A 153 -12.71 -7.89 12.88
N ASP A 154 -12.96 -9.16 13.22
CA ASP A 154 -12.76 -9.60 14.60
C ASP A 154 -11.29 -9.61 14.99
N MET A 155 -10.43 -10.02 14.07
CA MET A 155 -8.99 -10.02 14.30
C MET A 155 -8.49 -8.59 14.54
N VAL A 156 -8.94 -7.68 13.68
CA VAL A 156 -8.62 -6.27 13.85
C VAL A 156 -9.06 -5.79 15.24
N HIS A 157 -10.30 -6.08 15.59
CA HIS A 157 -10.87 -5.65 16.86
C HIS A 157 -10.14 -6.28 18.07
N ARG A 158 -9.87 -7.57 17.99
CA ARG A 158 -9.20 -8.27 19.08
C ARG A 158 -7.81 -7.71 19.30
N LEU A 159 -7.10 -7.43 18.20
CA LEU A 159 -5.78 -6.84 18.30
C LEU A 159 -5.86 -5.43 18.90
N LYS A 160 -6.81 -4.64 18.44
CA LYS A 160 -6.92 -3.27 18.94
C LYS A 160 -7.25 -3.24 20.43
N THR A 161 -8.04 -4.21 20.88
CA THR A 161 -8.42 -4.24 22.28
C THR A 161 -7.29 -4.79 23.17
N THR A 162 -6.47 -5.67 22.62
CA THR A 162 -5.44 -6.33 23.40
C THR A 162 -4.13 -5.54 23.44
N VAL A 163 -3.62 -5.14 22.28
CA VAL A 163 -2.34 -4.44 22.22
C VAL A 163 -2.47 -3.02 21.69
N GLY A 164 -3.70 -2.52 21.62
CA GLY A 164 -3.98 -1.25 20.98
C GLY A 164 -3.25 -0.04 21.54
N ASP A 165 -2.87 -0.10 22.81
CA ASP A 165 -2.13 1.00 23.41
C ASP A 165 -0.71 1.10 22.83
N GLU A 166 -0.10 -0.05 22.56
CA GLU A 166 1.31 -0.07 22.20
C GLU A 166 1.55 -0.18 20.70
N ILE A 167 0.57 -0.72 19.98
CA ILE A 167 0.75 -1.06 18.57
C ILE A 167 -0.41 -0.54 17.72
N GLU A 168 -0.10 0.06 16.58
CA GLU A 168 -1.13 0.47 15.62
C GLU A 168 -1.54 -0.71 14.75
N VAL A 169 -2.83 -0.86 14.52
CA VAL A 169 -3.37 -1.98 13.77
C VAL A 169 -3.96 -1.57 12.43
N VAL A 170 -3.36 -2.04 11.35
CA VAL A 170 -3.86 -1.75 10.00
C VAL A 170 -4.70 -2.93 9.50
N GLY A 171 -5.81 -2.62 8.81
CA GLY A 171 -6.65 -3.64 8.22
C GLY A 171 -6.80 -3.45 6.72
N GLY A 172 -6.79 -4.53 5.97
CA GLY A 172 -6.92 -4.47 4.52
C GLY A 172 -7.06 -5.86 3.95
N ASN A 173 -7.39 -5.99 2.67
CA ASN A 173 -7.59 -4.85 1.79
C ASN A 173 -9.07 -4.67 1.47
N VAL A 174 -9.46 -3.44 1.18
CA VAL A 174 -10.83 -3.13 0.82
C VAL A 174 -10.87 -2.35 -0.47
N ALA A 175 -12.07 -2.23 -1.06
CA ALA A 175 -12.22 -1.53 -2.33
C ALA A 175 -13.53 -0.74 -2.38
N THR A 176 -14.28 -0.78 -1.28
CA THR A 176 -15.58 -0.08 -1.25
C THR A 176 -15.70 0.79 0.00
N ARG A 177 -16.63 1.74 -0.06
CA ARG A 177 -16.99 2.59 1.08
C ARG A 177 -17.47 1.74 2.25
N ALA A 178 -18.38 0.81 1.99
CA ALA A 178 -18.93 -0.01 3.08
C ALA A 178 -17.87 -0.84 3.77
N ALA A 179 -16.92 -1.41 3.01
CA ALA A 179 -15.88 -2.23 3.60
C ALA A 179 -14.95 -1.38 4.46
N ALA A 180 -14.60 -0.20 3.97
CA ALA A 180 -13.76 0.73 4.73
C ALA A 180 -14.47 1.13 6.04
N ALA A 181 -15.78 1.37 5.94
CA ALA A 181 -16.56 1.78 7.12
C ALA A 181 -16.53 0.68 8.18
N ALA A 182 -16.58 -0.57 7.75
CA ALA A 182 -16.61 -1.68 8.69
C ALA A 182 -15.29 -1.80 9.42
N LEU A 183 -14.19 -1.61 8.70
CA LEU A 183 -12.88 -1.66 9.33
C LEU A 183 -12.72 -0.49 10.32
N VAL A 184 -13.34 0.64 10.02
CA VAL A 184 -13.27 1.77 10.94
C VAL A 184 -14.02 1.47 12.23
N GLU A 185 -15.22 0.96 12.09
CA GLU A 185 -16.00 0.47 13.21
C GLU A 185 -15.25 -0.54 14.05
N ALA A 186 -14.50 -1.42 13.42
CA ALA A 186 -13.78 -2.50 14.11
C ALA A 186 -12.55 -1.98 14.85
N GLY A 187 -12.18 -0.73 14.63
CA GLY A 187 -11.07 -0.12 15.35
C GLY A 187 -9.77 0.07 14.59
N ALA A 188 -9.79 -0.07 13.26
CA ALA A 188 -8.56 0.08 12.48
C ALA A 188 -7.95 1.47 12.65
N ASP A 189 -6.63 1.52 12.80
CA ASP A 189 -5.89 2.78 12.87
C ASP A 189 -5.53 3.29 11.47
N ALA A 190 -5.72 2.42 10.48
CA ALA A 190 -5.55 2.77 9.06
C ALA A 190 -6.22 1.70 8.19
N VAL A 191 -6.65 2.09 7.00
CA VAL A 191 -7.37 1.17 6.16
C VAL A 191 -6.61 1.06 4.84
N LYS A 192 -6.34 -0.16 4.40
CA LYS A 192 -5.54 -0.33 3.19
C LYS A 192 -6.44 -0.71 2.02
N VAL A 193 -6.25 0.00 0.92
CA VAL A 193 -7.14 -0.09 -0.22
C VAL A 193 -6.46 -0.70 -1.42
N GLY A 194 -7.09 -1.72 -1.99
CA GLY A 194 -6.58 -2.34 -3.20
C GLY A 194 -7.07 -3.75 -3.36
N VAL A 195 -8.10 -3.93 -4.19
CA VAL A 195 -8.57 -5.25 -4.59
C VAL A 195 -8.59 -5.25 -6.10
N GLY A 196 -7.62 -5.94 -6.69
CA GLY A 196 -7.46 -5.94 -8.15
C GLY A 196 -6.31 -5.20 -8.83
N PRO A 197 -5.78 -4.10 -8.24
CA PRO A 197 -4.90 -3.30 -9.10
C PRO A 197 -3.41 -3.71 -9.15
N GLY A 198 -2.94 -4.62 -8.30
CA GLY A 198 -1.52 -4.95 -8.25
C GLY A 198 -0.94 -5.35 -9.60
N SER A 199 0.31 -4.97 -9.85
CA SER A 199 0.92 -5.28 -11.15
C SER A 199 1.06 -6.77 -11.40
N ILE A 200 1.24 -7.56 -10.33
CA ILE A 200 1.36 -9.01 -10.44
C ILE A 200 0.06 -9.73 -10.10
N CYS A 201 -1.00 -8.93 -9.98
CA CYS A 201 -2.31 -9.43 -9.58
CA CYS A 201 -2.31 -9.44 -9.57
C CYS A 201 -3.13 -9.95 -10.76
N THR A 202 -3.75 -11.12 -10.60
CA THR A 202 -4.63 -11.64 -11.65
C THR A 202 -6.04 -11.88 -11.12
N THR A 203 -6.35 -11.25 -9.98
CA THR A 203 -7.67 -11.33 -9.39
C THR A 203 -8.74 -10.90 -10.37
N ARG A 204 -8.43 -9.88 -11.17
CA ARG A 204 -9.38 -9.38 -12.14
CA ARG A 204 -9.37 -9.37 -12.16
C ARG A 204 -9.67 -10.40 -13.24
N VAL A 205 -8.68 -11.18 -13.66
CA VAL A 205 -8.99 -12.12 -14.72
C VAL A 205 -9.40 -13.49 -14.19
N VAL A 206 -8.90 -13.87 -13.01
CA VAL A 206 -9.22 -15.18 -12.44
C VAL A 206 -10.59 -15.17 -11.76
N ALA A 207 -10.84 -14.16 -10.97
CA ALA A 207 -12.12 -14.07 -10.28
C ALA A 207 -13.12 -13.12 -10.96
N GLY A 208 -12.63 -12.21 -11.81
CA GLY A 208 -13.51 -11.23 -12.41
C GLY A 208 -13.85 -10.09 -11.46
N VAL A 209 -13.07 -9.96 -10.38
CA VAL A 209 -13.38 -9.05 -9.28
C VAL A 209 -12.35 -7.92 -9.22
N GLY A 210 -12.78 -6.72 -8.88
CA GLY A 210 -11.83 -5.65 -8.66
C GLY A 210 -12.50 -4.31 -8.58
N ALA A 211 -11.70 -3.29 -8.33
CA ALA A 211 -12.21 -1.93 -8.35
C ALA A 211 -11.05 -1.02 -8.74
N PRO A 212 -11.22 -0.26 -9.82
CA PRO A 212 -10.19 0.69 -10.28
C PRO A 212 -9.75 1.57 -9.12
N GLN A 213 -8.46 1.82 -9.00
CA GLN A 213 -7.91 2.28 -7.72
C GLN A 213 -8.25 3.73 -7.35
N ILE A 214 -8.40 4.63 -8.32
CA ILE A 214 -8.73 6.01 -7.98
C ILE A 214 -10.15 6.02 -7.36
N THR A 215 -11.10 5.36 -8.00
CA THR A 215 -12.46 5.28 -7.45
C THR A 215 -12.48 4.56 -6.10
N ALA A 216 -11.70 3.48 -5.94
CA ALA A 216 -11.66 2.76 -4.65
C ALA A 216 -11.15 3.68 -3.53
N ILE A 217 -10.15 4.50 -3.85
CA ILE A 217 -9.58 5.41 -2.84
C ILE A 217 -10.59 6.48 -2.49
N LEU A 218 -11.24 7.07 -3.50
CA LEU A 218 -12.26 8.10 -3.23
C LEU A 218 -13.39 7.57 -2.32
N GLU A 219 -13.83 6.35 -2.60
CA GLU A 219 -14.89 5.72 -1.82
C GLU A 219 -14.42 5.37 -0.39
N ALA A 220 -13.23 4.80 -0.27
CA ALA A 220 -12.69 4.47 1.06
C ALA A 220 -12.46 5.73 1.90
N VAL A 221 -11.92 6.77 1.26
CA VAL A 221 -11.65 8.01 1.96
C VAL A 221 -12.96 8.62 2.44
N ALA A 222 -14.03 8.46 1.67
CA ALA A 222 -15.35 8.99 2.06
C ALA A 222 -15.82 8.37 3.38
N ALA A 223 -15.42 7.14 3.65
CA ALA A 223 -15.79 6.51 4.91
C ALA A 223 -14.73 6.70 6.00
N CYS A 224 -13.48 6.91 5.61
CA CYS A 224 -12.38 6.94 6.57
C CYS A 224 -12.01 8.33 7.06
N ALA A 225 -11.91 9.28 6.15
CA ALA A 225 -11.56 10.65 6.54
C ALA A 225 -12.49 11.24 7.64
N PRO A 226 -13.81 11.01 7.55
CA PRO A 226 -14.63 11.64 8.61
C PRO A 226 -14.37 11.09 10.01
N HIS A 227 -13.67 9.96 10.10
CA HIS A 227 -13.31 9.37 11.38
C HIS A 227 -11.83 9.53 11.70
N GLY A 228 -11.13 10.34 10.90
CA GLY A 228 -9.72 10.60 11.12
C GLY A 228 -8.84 9.37 10.92
N VAL A 229 -9.30 8.40 10.12
CA VAL A 229 -8.53 7.19 9.83
C VAL A 229 -7.85 7.31 8.46
N PRO A 230 -6.51 7.20 8.42
CA PRO A 230 -5.75 7.35 7.18
C PRO A 230 -5.97 6.18 6.24
N VAL A 231 -5.92 6.45 4.94
CA VAL A 231 -6.05 5.41 3.93
C VAL A 231 -4.70 5.13 3.27
N ILE A 232 -4.32 3.87 3.21
CA ILE A 232 -3.11 3.45 2.50
C ILE A 232 -3.51 2.96 1.11
N ALA A 233 -3.03 3.63 0.07
CA ALA A 233 -3.30 3.19 -1.30
C ALA A 233 -2.31 2.07 -1.68
N ASP A 234 -2.83 0.88 -1.93
CA ASP A 234 -1.98 -0.30 -2.11
C ASP A 234 -2.19 -0.98 -3.46
N GLY A 235 -1.19 -0.88 -4.33
CA GLY A 235 -1.20 -1.62 -5.58
C GLY A 235 -1.51 -0.75 -6.78
N GLY A 236 -0.93 -1.09 -7.93
CA GLY A 236 -1.23 -0.39 -9.17
C GLY A 236 -0.39 0.85 -9.45
N LEU A 237 0.45 1.23 -8.50
CA LEU A 237 1.33 2.38 -8.74
C LEU A 237 2.52 2.00 -9.62
N GLN A 238 2.60 2.62 -10.80
CA GLN A 238 3.65 2.31 -11.79
CA GLN A 238 3.65 2.30 -11.76
C GLN A 238 4.70 3.40 -11.87
N TYR A 239 4.29 4.63 -11.61
CA TYR A 239 5.13 5.79 -11.78
C TYR A 239 5.05 6.68 -10.57
N SER A 240 6.03 7.55 -10.41
CA SER A 240 6.02 8.50 -9.31
C SER A 240 4.75 9.35 -9.37
N GLY A 241 4.26 9.63 -10.58
CA GLY A 241 3.02 10.41 -10.72
C GLY A 241 1.81 9.74 -10.09
N ASP A 242 1.77 8.41 -10.09
CA ASP A 242 0.64 7.71 -9.49
C ASP A 242 0.58 7.91 -7.99
N ILE A 243 1.74 8.12 -7.37
CA ILE A 243 1.78 8.39 -5.93
C ILE A 243 1.06 9.70 -5.63
N ALA A 244 1.39 10.75 -6.38
CA ALA A 244 0.68 12.02 -6.22
C ALA A 244 -0.80 11.87 -6.48
N LYS A 245 -1.19 11.10 -7.50
CA LYS A 245 -2.62 10.91 -7.78
C LYS A 245 -3.32 10.22 -6.64
N ALA A 246 -2.70 9.17 -6.12
CA ALA A 246 -3.33 8.42 -5.02
C ALA A 246 -3.53 9.30 -3.79
N LEU A 247 -2.52 10.11 -3.47
CA LEU A 247 -2.60 11.01 -2.32
C LEU A 247 -3.64 12.10 -2.56
N ALA A 248 -3.63 12.68 -3.75
CA ALA A 248 -4.64 13.68 -4.09
C ALA A 248 -6.05 13.09 -4.06
N ALA A 249 -6.21 11.81 -4.40
CA ALA A 249 -7.52 11.16 -4.28
C ALA A 249 -7.98 11.03 -2.81
N GLY A 250 -7.05 11.20 -1.89
CA GLY A 250 -7.40 11.23 -0.48
C GLY A 250 -6.60 10.29 0.40
N ALA A 251 -5.79 9.41 -0.20
CA ALA A 251 -4.92 8.52 0.56
C ALA A 251 -3.86 9.30 1.31
N SER A 252 -3.39 8.74 2.42
CA SER A 252 -2.36 9.39 3.23
C SER A 252 -1.00 8.81 2.97
N THR A 253 -0.94 7.55 2.55
CA THR A 253 0.32 6.94 2.13
C THR A 253 0.07 5.98 0.96
N ALA A 254 1.14 5.55 0.31
CA ALA A 254 1.07 4.56 -0.78
C ALA A 254 1.97 3.37 -0.46
N MET A 255 1.45 2.17 -0.66
CA MET A 255 2.25 0.95 -0.48
C MET A 255 2.76 0.47 -1.83
N LEU A 256 4.06 0.19 -1.92
CA LEU A 256 4.67 -0.12 -3.20
C LEU A 256 5.26 -1.52 -3.24
N GLY A 257 4.95 -2.26 -4.30
CA GLY A 257 5.57 -3.55 -4.52
C GLY A 257 6.52 -3.52 -5.70
N SER A 258 5.96 -3.43 -6.90
CA SER A 258 6.75 -3.50 -8.14
CA SER A 258 6.76 -3.51 -8.13
C SER A 258 7.84 -2.44 -8.22
N LEU A 259 7.52 -1.24 -7.77
CA LEU A 259 8.46 -0.14 -7.86
C LEU A 259 9.67 -0.32 -6.96
N LEU A 260 9.56 -1.19 -5.96
CA LEU A 260 10.66 -1.40 -5.02
C LEU A 260 11.30 -2.79 -5.19
N ALA A 261 10.63 -3.67 -5.93
CA ALA A 261 11.12 -5.04 -6.09
C ALA A 261 12.41 -5.11 -6.87
N GLY A 262 12.68 -4.10 -7.70
CA GLY A 262 13.89 -4.12 -8.48
C GLY A 262 15.10 -3.54 -7.78
N THR A 263 14.98 -3.20 -6.51
CA THR A 263 16.07 -2.55 -5.81
C THR A 263 17.05 -3.54 -5.19
N ALA A 264 18.23 -3.04 -4.84
CA ALA A 264 19.28 -3.87 -4.25
C ALA A 264 18.84 -4.43 -2.90
N GLU A 265 18.03 -3.65 -2.18
CA GLU A 265 17.59 -4.01 -0.83
C GLU A 265 16.48 -5.04 -0.75
N SER A 266 15.84 -5.35 -1.87
CA SER A 266 14.82 -6.38 -1.90
C SER A 266 15.45 -7.76 -1.85
N PRO A 267 14.69 -8.76 -1.37
CA PRO A 267 15.14 -10.15 -1.38
C PRO A 267 15.40 -10.63 -2.80
N GLY A 268 16.17 -11.70 -2.92
CA GLY A 268 16.38 -12.32 -4.23
C GLY A 268 17.64 -11.87 -4.93
N GLU A 269 18.07 -12.67 -5.88
CA GLU A 269 19.31 -12.43 -6.59
C GLU A 269 19.14 -11.66 -7.88
N LEU A 270 20.24 -11.22 -8.44
CA LEU A 270 20.23 -10.60 -9.75
C LEU A 270 19.98 -11.66 -10.80
N ILE A 271 19.21 -11.33 -11.83
CA ILE A 271 19.02 -12.25 -12.94
C ILE A 271 19.39 -11.57 -14.26
N LEU A 272 20.18 -12.26 -15.06
CA LEU A 272 20.61 -11.73 -16.33
C LEU A 272 19.83 -12.37 -17.46
N VAL A 273 19.04 -11.57 -18.17
CA VAL A 273 18.27 -12.07 -19.29
C VAL A 273 18.55 -11.21 -20.51
N ASN A 274 19.04 -11.84 -21.58
CA ASN A 274 19.36 -11.16 -22.83
C ASN A 274 20.16 -9.86 -22.62
N GLY A 275 21.15 -9.92 -21.73
CA GLY A 275 22.05 -8.80 -21.54
C GLY A 275 21.58 -7.73 -20.57
N LYS A 276 20.36 -7.88 -20.05
CA LYS A 276 19.82 -6.90 -19.12
C LYS A 276 19.60 -7.51 -17.75
N GLN A 277 19.67 -6.69 -16.71
CA GLN A 277 19.57 -7.18 -15.33
C GLN A 277 18.15 -7.04 -14.79
N PHE A 278 17.70 -8.09 -14.12
CA PHE A 278 16.36 -8.14 -13.53
C PHE A 278 16.38 -8.73 -12.13
N LYS A 279 15.30 -8.53 -11.39
CA LYS A 279 15.06 -9.33 -10.20
C LYS A 279 13.68 -9.94 -10.30
N SER A 280 13.50 -11.08 -9.65
CA SER A 280 12.21 -11.77 -9.71
C SER A 280 11.22 -11.05 -8.81
N TYR A 281 9.96 -11.02 -9.23
CA TYR A 281 8.89 -10.36 -8.47
C TYR A 281 7.64 -11.19 -8.65
N ARG A 282 7.02 -11.59 -7.55
CA ARG A 282 5.90 -12.51 -7.66
C ARG A 282 4.81 -12.19 -6.67
N GLY A 283 3.57 -12.45 -7.06
CA GLY A 283 2.46 -12.24 -6.16
C GLY A 283 2.52 -13.21 -5.00
N MET A 284 1.94 -12.82 -3.87
CA MET A 284 1.84 -13.75 -2.75
C MET A 284 0.75 -14.78 -3.00
N GLY A 285 -0.06 -14.53 -4.03
CA GLY A 285 -1.10 -15.46 -4.42
C GLY A 285 -0.71 -16.23 -5.67
N SER A 286 0.57 -16.19 -6.03
CA SER A 286 1.06 -16.93 -7.19
C SER A 286 1.33 -18.37 -6.79
N LEU A 287 1.45 -19.23 -7.81
CA LEU A 287 1.66 -20.66 -7.59
C LEU A 287 2.88 -20.92 -6.70
N GLY A 288 4.01 -20.32 -7.07
CA GLY A 288 5.24 -20.53 -6.33
C GLY A 288 5.25 -19.95 -4.93
N ALA A 289 4.47 -18.91 -4.68
CA ALA A 289 4.43 -18.29 -3.36
C ALA A 289 3.56 -19.09 -2.40
N MET A 290 2.71 -19.95 -2.95
CA MET A 290 1.86 -20.80 -2.12
C MET A 290 2.45 -22.21 -1.98
N GLN A 291 3.53 -22.48 -2.72
CA GLN A 291 4.19 -23.79 -2.68
C GLN A 291 5.37 -23.81 -1.71
N LEU A 315 -7.50 -22.97 -3.17
CA LEU A 315 -7.54 -21.67 -3.82
C LEU A 315 -6.64 -21.66 -5.05
N VAL A 316 -7.18 -21.28 -6.21
CA VAL A 316 -6.37 -21.19 -7.41
C VAL A 316 -5.57 -19.88 -7.39
N PRO A 317 -4.45 -19.83 -8.13
CA PRO A 317 -3.58 -18.65 -8.03
C PRO A 317 -4.26 -17.37 -8.48
N GLU A 318 -3.95 -16.28 -7.80
CA GLU A 318 -4.46 -14.95 -8.18
C GLU A 318 -3.31 -13.96 -8.39
N GLY A 319 -2.13 -14.50 -8.65
CA GLY A 319 -0.96 -13.68 -8.96
C GLY A 319 -0.01 -14.42 -9.87
N ILE A 320 0.89 -13.69 -10.53
CA ILE A 320 1.89 -14.30 -11.39
C ILE A 320 3.27 -14.18 -10.78
N GLU A 321 4.20 -14.98 -11.29
CA GLU A 321 5.60 -14.84 -10.96
C GLU A 321 6.28 -14.16 -12.13
N GLY A 322 6.88 -13.00 -11.90
CA GLY A 322 7.48 -12.24 -12.97
C GLY A 322 8.89 -11.73 -12.70
N ARG A 323 9.30 -10.77 -13.52
CA ARG A 323 10.59 -10.12 -13.37
C ARG A 323 10.42 -8.61 -13.54
N VAL A 324 11.19 -7.84 -12.78
CA VAL A 324 11.22 -6.40 -12.95
C VAL A 324 12.67 -5.97 -13.19
N PRO A 325 12.88 -4.88 -13.93
CA PRO A 325 14.23 -4.38 -14.16
C PRO A 325 14.95 -4.05 -12.85
N PHE A 326 16.23 -4.38 -12.77
CA PHE A 326 17.03 -4.01 -11.61
C PHE A 326 17.19 -2.50 -11.59
N ARG A 327 16.93 -1.88 -10.44
CA ARG A 327 16.91 -0.43 -10.37
C ARG A 327 18.05 0.17 -9.54
N GLY A 328 18.83 -0.66 -8.86
CA GLY A 328 19.91 -0.15 -8.04
C GLY A 328 19.45 0.10 -6.62
N PRO A 329 20.13 1.01 -5.91
CA PRO A 329 19.84 1.22 -4.49
C PRO A 329 18.44 1.79 -4.26
N LEU A 330 17.82 1.38 -3.15
CA LEU A 330 16.53 1.90 -2.76
C LEU A 330 16.54 3.42 -2.62
N SER A 331 17.58 3.93 -1.97
CA SER A 331 17.69 5.36 -1.73
C SER A 331 17.54 6.15 -3.02
N THR A 332 18.06 5.58 -4.11
CA THR A 332 17.95 6.19 -5.43
C THR A 332 16.52 6.22 -5.95
N VAL A 333 15.84 5.07 -5.88
CA VAL A 333 14.46 4.96 -6.30
C VAL A 333 13.55 5.91 -5.50
N ILE A 334 13.70 5.90 -4.18
CA ILE A 334 12.89 6.74 -3.30
C ILE A 334 13.10 8.22 -3.61
N HIS A 335 14.34 8.58 -3.94
CA HIS A 335 14.61 9.97 -4.31
C HIS A 335 13.84 10.40 -5.55
N GLN A 336 13.81 9.56 -6.57
N GLN A 336 13.83 9.56 -6.59
CA GLN A 336 13.13 9.95 -7.79
CA GLN A 336 13.09 9.92 -7.80
C GLN A 336 11.61 9.88 -7.61
C GLN A 336 11.62 10.01 -7.45
N LEU A 337 11.15 9.02 -6.69
CA LEU A 337 9.72 8.92 -6.38
C LEU A 337 9.26 10.13 -5.59
N VAL A 338 10.01 10.50 -4.56
CA VAL A 338 9.71 11.70 -3.78
C VAL A 338 9.90 12.96 -4.63
N GLY A 339 10.86 12.91 -5.56
CA GLY A 339 11.08 14.03 -6.46
C GLY A 339 9.84 14.33 -7.28
N GLY A 340 9.20 13.29 -7.80
CA GLY A 340 7.99 13.41 -8.58
C GLY A 340 6.85 13.93 -7.74
N LEU A 341 6.73 13.41 -6.52
CA LEU A 341 5.72 13.89 -5.58
C LEU A 341 5.90 15.37 -5.28
N ARG A 342 7.15 15.79 -5.09
CA ARG A 342 7.44 17.21 -4.82
C ARG A 342 7.03 18.09 -5.97
N ALA A 343 7.30 17.62 -7.19
CA ALA A 343 6.89 18.34 -8.39
C ALA A 343 5.37 18.54 -8.38
N ALA A 344 4.62 17.48 -8.10
CA ALA A 344 3.16 17.58 -8.07
C ALA A 344 2.70 18.60 -7.02
N MET A 345 3.34 18.60 -5.87
CA MET A 345 2.96 19.54 -4.82
C MET A 345 3.20 20.99 -5.26
N GLY A 346 4.29 21.22 -5.99
CA GLY A 346 4.56 22.52 -6.57
C GLY A 346 3.50 22.95 -7.58
N TYR A 347 3.15 22.05 -8.51
CA TYR A 347 2.13 22.35 -9.52
C TYR A 347 0.77 22.62 -8.92
N THR A 348 0.43 21.95 -7.83
CA THR A 348 -0.89 22.05 -7.24
C THR A 348 -0.98 23.02 -6.08
N GLY A 349 0.14 23.65 -5.75
CA GLY A 349 0.18 24.61 -4.65
C GLY A 349 -0.08 23.95 -3.30
N SER A 350 0.36 22.71 -3.18
CA SER A 350 0.18 21.94 -1.94
C SER A 350 1.43 21.99 -1.07
N ALA A 351 1.34 22.69 0.05
CA ALA A 351 2.50 22.85 0.91
C ALA A 351 2.70 21.60 1.75
N THR A 352 1.61 20.88 1.96
CA THR A 352 1.61 19.66 2.77
C THR A 352 0.84 18.55 2.05
N ILE A 353 0.95 17.32 2.54
CA ILE A 353 0.13 16.23 1.98
C ILE A 353 -1.34 16.49 2.25
N GLU A 354 -1.67 17.05 3.42
CA GLU A 354 -3.06 17.38 3.70
C GLU A 354 -3.64 18.35 2.67
N GLU A 355 -2.82 19.26 2.17
CA GLU A 355 -3.29 20.16 1.12
C GLU A 355 -3.40 19.43 -0.22
N LEU A 356 -2.48 18.52 -0.48
CA LEU A 356 -2.52 17.74 -1.71
C LEU A 356 -3.79 16.91 -1.80
N GLN A 357 -4.26 16.42 -0.65
CA GLN A 357 -5.49 15.65 -0.58
C GLN A 357 -6.73 16.45 -1.01
N GLN A 358 -6.58 17.76 -1.20
CA GLN A 358 -7.71 18.59 -1.63
C GLN A 358 -7.59 19.02 -3.09
N ALA A 359 -6.56 18.53 -3.78
CA ALA A 359 -6.34 18.92 -5.17
C ALA A 359 -7.42 18.36 -6.11
N GLN A 360 -7.51 18.90 -7.31
CA GLN A 360 -8.54 18.47 -8.24
C GLN A 360 -7.96 17.70 -9.42
N PHE A 361 -8.78 16.82 -10.00
CA PHE A 361 -8.39 16.08 -11.19
C PHE A 361 -9.08 16.56 -12.45
N VAL A 362 -8.46 16.28 -13.59
CA VAL A 362 -9.20 16.27 -14.85
C VAL A 362 -9.21 14.82 -15.32
N GLN A 363 -10.36 14.36 -15.81
CA GLN A 363 -10.44 13.00 -16.35
C GLN A 363 -10.00 13.07 -17.80
N ILE A 364 -9.25 12.07 -18.26
CA ILE A 364 -8.81 12.09 -19.63
C ILE A 364 -9.44 10.95 -20.42
N THR A 365 -9.30 11.00 -21.73
CA THR A 365 -9.90 9.99 -22.59
C THR A 365 -8.84 8.95 -22.96
N ALA A 366 -9.28 7.94 -23.71
CA ALA A 366 -8.35 6.94 -24.25
C ALA A 366 -7.20 7.57 -25.03
N ALA A 367 -7.50 8.64 -25.78
CA ALA A 367 -6.49 9.31 -26.60
C ALA A 367 -5.33 9.85 -25.76
N GLY A 368 -5.59 10.13 -24.49
CA GLY A 368 -4.56 10.58 -23.59
C GLY A 368 -3.65 9.45 -23.14
#